data_5IG0
#
_entry.id   5IG0
#
_cell.length_a   96.805
_cell.length_b   96.805
_cell.length_c   58.416
_cell.angle_alpha   90.00
_cell.angle_beta   90.00
_cell.angle_gamma   120.00
#
_symmetry.space_group_name_H-M   'P 61 2 2'
#
loop_
_entity.id
_entity.type
_entity.pdbx_description
1 polymer 'CAMK/CAMK2 protein kinase'
2 non-polymer 'SULFATE ION'
3 non-polymer GLYCEROL
4 water water
#
_entity_poly.entity_id   1
_entity_poly.type   'polypeptide(L)'
_entity_poly.pdbx_seq_one_letter_code
;GPHTVAEKQDTLVPAGPAKAVLEVNDELLKAVASGDWDAYTTMVDPNVTCFEPEAAGVLAKGLAFHKFFFDNRSPNADKM
KTTLHDPAVQMFGDTAIVTALRVVQFVADDGPKTTRYEETRVWVKDAAFKFGWKLVHFHRSGAHATPN
;
_entity_poly.pdbx_strand_id   A
#
# COMPACT_ATOMS: atom_id res chain seq x y z
N VAL A 13 24.57 -5.24 -1.61
CA VAL A 13 24.56 -4.61 -0.29
C VAL A 13 23.19 -4.74 0.34
N PRO A 14 23.12 -5.27 1.58
CA PRO A 14 21.83 -5.45 2.26
C PRO A 14 21.29 -4.14 2.81
N ALA A 15 19.97 -4.03 2.92
CA ALA A 15 19.34 -2.84 3.45
C ALA A 15 19.19 -2.91 4.96
N GLY A 16 19.50 -1.81 5.64
CA GLY A 16 19.21 -1.68 7.06
C GLY A 16 17.70 -1.63 7.27
N PRO A 17 17.25 -1.62 8.53
CA PRO A 17 15.83 -1.69 8.86
C PRO A 17 14.98 -0.64 8.15
N ALA A 18 15.40 0.62 8.22
CA ALA A 18 14.63 1.72 7.62
C ALA A 18 14.58 1.61 6.11
N LYS A 19 15.73 1.38 5.48
CA LYS A 19 15.78 1.22 4.04
C LYS A 19 15.00 -0.04 3.62
N ALA A 20 15.07 -1.07 4.46
CA ALA A 20 14.41 -2.34 4.16
C ALA A 20 12.89 -2.16 4.09
N VAL A 21 12.31 -1.48 5.07
CA VAL A 21 10.86 -1.29 5.08
C VAL A 21 10.41 -0.43 3.91
N LEU A 22 11.20 0.59 3.57
CA LEU A 22 10.89 1.42 2.42
C LEU A 22 10.83 0.58 1.16
N GLU A 23 11.77 -0.35 1.02
CA GLU A 23 11.81 -1.21 -0.16
C GLU A 23 10.58 -2.12 -0.22
N VAL A 24 10.19 -2.69 0.92
CA VAL A 24 9.05 -3.58 0.94
C VAL A 24 7.78 -2.77 0.68
N ASN A 25 7.73 -1.56 1.22
CA ASN A 25 6.60 -0.67 0.98
C ASN A 25 6.46 -0.34 -0.51
N ASP A 26 7.58 -0.10 -1.17
CA ASP A 26 7.59 0.12 -2.62
C ASP A 26 7.15 -1.14 -3.37
N GLU A 27 7.62 -2.29 -2.91
CA GLU A 27 7.29 -3.56 -3.56
C GLU A 27 5.79 -3.83 -3.47
N LEU A 28 5.17 -3.43 -2.36
CA LEU A 28 3.74 -3.63 -2.18
C LEU A 28 2.96 -2.83 -3.21
N LEU A 29 3.36 -1.58 -3.43
CA LEU A 29 2.75 -0.76 -4.48
C LEU A 29 2.85 -1.43 -5.85
N LYS A 30 4.00 -2.05 -6.12
CA LYS A 30 4.20 -2.75 -7.39
C LYS A 30 3.24 -3.92 -7.53
N ALA A 31 3.01 -4.60 -6.42
CA ALA A 31 2.12 -5.76 -6.41
C ALA A 31 0.68 -5.31 -6.67
N VAL A 32 0.28 -4.22 -6.03
CA VAL A 32 -1.08 -3.71 -6.18
C VAL A 32 -1.29 -3.19 -7.60
N ALA A 33 -0.30 -2.47 -8.12
CA ALA A 33 -0.38 -1.90 -9.46
C ALA A 33 -0.52 -2.98 -10.52
N SER A 34 0.10 -4.13 -10.28
CA SER A 34 0.12 -5.21 -11.27
C SER A 34 -0.93 -6.29 -11.00
N GLY A 35 -1.73 -6.11 -9.95
CA GLY A 35 -2.76 -7.06 -9.62
C GLY A 35 -2.23 -8.41 -9.17
N ASP A 36 -1.01 -8.40 -8.62
CA ASP A 36 -0.36 -9.62 -8.16
C ASP A 36 -0.81 -9.95 -6.75
N TRP A 37 -1.92 -10.68 -6.62
CA TRP A 37 -2.48 -11.00 -5.31
C TRP A 37 -1.53 -11.84 -4.46
N ASP A 38 -0.87 -12.82 -5.07
CA ASP A 38 0.03 -13.68 -4.32
C ASP A 38 1.12 -12.86 -3.64
N ALA A 39 1.67 -11.90 -4.37
CA ALA A 39 2.69 -11.00 -3.83
C ALA A 39 2.12 -10.19 -2.66
N TYR A 40 0.89 -9.72 -2.83
CA TYR A 40 0.23 -8.93 -1.80
C TYR A 40 0.21 -9.69 -0.49
N THR A 41 -0.09 -10.99 -0.56
CA THR A 41 -0.23 -11.80 0.64
C THR A 41 1.12 -12.14 1.28
N THR A 42 2.22 -11.92 0.56
CA THR A 42 3.53 -12.14 1.16
C THR A 42 3.95 -10.97 2.04
N MET A 43 3.19 -9.87 1.96
CA MET A 43 3.58 -8.63 2.64
C MET A 43 2.54 -8.10 3.62
N VAL A 44 1.29 -8.50 3.47
CA VAL A 44 0.20 -7.91 4.23
C VAL A 44 -0.39 -8.90 5.23
N ASP A 45 -0.50 -8.44 6.47
CA ASP A 45 -1.03 -9.27 7.56
C ASP A 45 -2.47 -9.68 7.27
N PRO A 46 -2.82 -10.93 7.60
CA PRO A 46 -4.19 -11.40 7.33
C PRO A 46 -5.27 -10.58 8.04
N ASN A 47 -4.90 -9.90 9.12
CA ASN A 47 -5.82 -9.08 9.90
C ASN A 47 -5.55 -7.60 9.73
N VAL A 48 -4.98 -7.24 8.57
CA VAL A 48 -4.70 -5.85 8.25
C VAL A 48 -5.98 -5.02 8.37
N THR A 49 -5.85 -3.80 8.90
CA THR A 49 -6.95 -2.85 8.93
C THR A 49 -6.61 -1.64 8.08
N CYS A 50 -7.62 -0.91 7.62
CA CYS A 50 -7.30 0.30 6.89
C CYS A 50 -8.44 1.30 6.79
N PHE A 51 -8.04 2.57 6.67
CA PHE A 51 -8.91 3.63 6.19
C PHE A 51 -8.46 3.95 4.77
N GLU A 52 -9.38 3.92 3.82
CA GLU A 52 -9.05 4.30 2.43
C GLU A 52 -10.34 4.69 1.73
N PRO A 53 -10.23 5.45 0.63
CA PRO A 53 -11.44 5.87 -0.10
C PRO A 53 -12.37 4.71 -0.43
N GLU A 54 -11.80 3.57 -0.80
CA GLU A 54 -12.58 2.40 -1.20
C GLU A 54 -13.35 1.74 -0.04
N ALA A 55 -13.07 2.17 1.19
CA ALA A 55 -13.64 1.51 2.36
C ALA A 55 -14.91 2.22 2.86
N ALA A 56 -15.37 3.21 2.11
CA ALA A 56 -16.66 3.85 2.35
C ALA A 56 -16.77 4.47 3.75
N GLY A 57 -15.67 5.05 4.23
CA GLY A 57 -15.72 5.90 5.41
C GLY A 57 -15.53 5.21 6.75
N VAL A 58 -15.41 3.89 6.74
CA VAL A 58 -15.18 3.14 7.98
C VAL A 58 -13.97 2.23 7.84
N LEU A 59 -13.50 1.74 8.98
CA LEU A 59 -12.31 0.89 9.02
C LEU A 59 -12.61 -0.48 8.41
N ALA A 60 -11.90 -0.83 7.34
CA ALA A 60 -12.00 -2.15 6.74
C ALA A 60 -10.97 -3.09 7.36
N LYS A 61 -11.31 -4.37 7.47
CA LYS A 61 -10.42 -5.33 8.10
C LYS A 61 -10.34 -6.63 7.31
N GLY A 62 -9.14 -7.20 7.23
CA GLY A 62 -8.94 -8.49 6.61
C GLY A 62 -8.58 -8.42 5.15
N LEU A 63 -8.01 -9.50 4.64
CA LEU A 63 -7.54 -9.57 3.27
C LEU A 63 -8.66 -9.71 2.25
N ALA A 64 -9.75 -10.35 2.65
CA ALA A 64 -10.87 -10.60 1.75
C ALA A 64 -11.39 -9.30 1.15
N PHE A 65 -11.46 -8.26 1.97
CA PHE A 65 -11.88 -6.94 1.51
C PHE A 65 -11.02 -6.46 0.35
N HIS A 66 -9.71 -6.67 0.47
CA HIS A 66 -8.78 -6.23 -0.56
C HIS A 66 -8.80 -7.13 -1.79
N LYS A 67 -8.93 -8.43 -1.57
CA LYS A 67 -8.94 -9.38 -2.67
C LYS A 67 -10.08 -9.08 -3.64
N PHE A 68 -11.18 -8.57 -3.10
CA PHE A 68 -12.34 -8.19 -3.91
C PHE A 68 -11.95 -7.25 -5.04
N PHE A 69 -11.04 -6.33 -4.74
CA PHE A 69 -10.59 -5.36 -5.74
C PHE A 69 -9.59 -5.98 -6.70
N PHE A 70 -8.87 -7.01 -6.26
CA PHE A 70 -7.98 -7.75 -7.14
C PHE A 70 -8.80 -8.60 -8.11
N ASP A 71 -9.83 -9.26 -7.59
CA ASP A 71 -10.67 -10.16 -8.39
C ASP A 71 -11.57 -9.41 -9.35
N ASN A 72 -11.84 -8.14 -9.06
CA ASN A 72 -12.69 -7.32 -9.90
C ASN A 72 -12.00 -6.03 -10.36
N ARG A 73 -10.78 -6.16 -10.86
CA ARG A 73 -10.06 -5.00 -11.39
C ARG A 73 -10.79 -4.41 -12.59
N SER A 74 -11.33 -3.20 -12.43
CA SER A 74 -12.02 -2.53 -13.53
C SER A 74 -12.06 -1.01 -13.35
N PRO A 75 -12.23 -0.27 -14.46
CA PRO A 75 -12.18 -0.69 -15.87
C PRO A 75 -10.90 -0.26 -16.59
N ASN A 76 -10.26 0.80 -16.08
CA ASN A 76 -9.05 1.36 -16.69
C ASN A 76 -7.92 1.41 -15.66
N ALA A 77 -7.90 0.44 -14.75
CA ALA A 77 -6.88 0.38 -13.72
C ALA A 77 -5.49 0.12 -14.31
N ASP A 78 -5.47 -0.33 -15.56
CA ASP A 78 -4.22 -0.64 -16.24
C ASP A 78 -3.58 0.63 -16.82
N LYS A 79 -4.41 1.60 -17.16
CA LYS A 79 -3.91 2.87 -17.65
C LYS A 79 -3.25 3.67 -16.54
N MET A 80 -3.63 3.38 -15.30
CA MET A 80 -3.17 4.17 -14.16
C MET A 80 -1.66 4.06 -13.94
N LYS A 81 -1.07 5.19 -13.56
CA LYS A 81 0.33 5.24 -13.14
C LYS A 81 0.41 5.80 -11.74
N THR A 82 1.10 5.09 -10.84
CA THR A 82 1.19 5.49 -9.45
C THR A 82 2.64 5.63 -9.01
N THR A 83 2.93 6.71 -8.30
CA THR A 83 4.26 6.94 -7.77
C THR A 83 4.16 7.38 -6.31
N LEU A 84 5.17 7.01 -5.52
CA LEU A 84 5.27 7.47 -4.14
C LEU A 84 6.28 8.61 -4.06
N HIS A 85 5.89 9.63 -3.32
CA HIS A 85 6.68 10.85 -3.18
C HIS A 85 6.95 11.14 -1.72
N ASP A 86 8.13 11.68 -1.44
CA ASP A 86 8.47 12.19 -0.13
C ASP A 86 8.33 11.10 0.95
N PRO A 87 8.84 9.89 0.67
CA PRO A 87 8.67 8.84 1.67
C PRO A 87 9.58 9.06 2.88
N ALA A 88 9.12 8.63 4.03
CA ALA A 88 9.90 8.72 5.26
C ALA A 88 9.51 7.56 6.16
N VAL A 89 10.46 7.10 6.98
CA VAL A 89 10.18 6.06 7.96
C VAL A 89 10.59 6.51 9.34
N GLN A 90 9.78 6.16 10.32
CA GLN A 90 10.12 6.35 11.72
C GLN A 90 10.01 5.01 12.43
N MET A 91 11.07 4.66 13.15
CA MET A 91 11.16 3.37 13.82
C MET A 91 10.83 3.49 15.30
N PHE A 92 9.98 2.57 15.78
CA PHE A 92 9.66 2.47 17.19
C PHE A 92 9.70 1.00 17.58
N GLY A 93 10.87 0.54 18.00
CA GLY A 93 11.07 -0.87 18.27
C GLY A 93 10.86 -1.68 17.01
N ASP A 94 9.92 -2.63 17.07
CA ASP A 94 9.65 -3.50 15.94
C ASP A 94 8.59 -2.90 15.01
N THR A 95 8.21 -1.66 15.28
CA THR A 95 7.22 -0.96 14.45
C THR A 95 7.89 0.07 13.57
N ALA A 96 7.46 0.13 12.30
CA ALA A 96 7.92 1.15 11.37
C ALA A 96 6.72 1.91 10.81
N ILE A 97 6.75 3.23 10.93
CA ILE A 97 5.69 4.07 10.37
C ILE A 97 6.22 4.69 9.09
N VAL A 98 5.68 4.27 7.96
CA VAL A 98 6.07 4.82 6.67
C VAL A 98 5.04 5.84 6.25
N THR A 99 5.50 7.05 5.94
CA THR A 99 4.62 8.10 5.45
C THR A 99 5.06 8.49 4.04
N ALA A 100 4.10 8.83 3.20
CA ALA A 100 4.42 9.20 1.83
C ALA A 100 3.24 9.89 1.17
N LEU A 101 3.51 10.54 0.04
CA LEU A 101 2.47 11.10 -0.80
C LEU A 101 2.35 10.21 -2.04
N ARG A 102 1.13 9.75 -2.30
CA ARG A 102 0.85 8.88 -3.42
C ARG A 102 0.23 9.71 -4.54
N VAL A 103 0.90 9.76 -5.69
CA VAL A 103 0.38 10.49 -6.84
C VAL A 103 -0.07 9.51 -7.91
N VAL A 104 -1.33 9.66 -8.33
CA VAL A 104 -1.94 8.74 -9.28
C VAL A 104 -2.40 9.48 -10.52
N GLN A 105 -1.89 9.03 -11.66
CA GLN A 105 -2.36 9.50 -12.96
C GLN A 105 -3.41 8.52 -13.45
N PHE A 106 -4.56 9.03 -13.87
CA PHE A 106 -5.63 8.18 -14.37
C PHE A 106 -6.45 8.92 -15.43
N VAL A 107 -7.29 8.19 -16.14
CA VAL A 107 -8.16 8.80 -17.13
C VAL A 107 -9.60 8.78 -16.62
N ALA A 108 -10.24 9.93 -16.66
CA ALA A 108 -11.63 10.08 -16.27
C ALA A 108 -12.47 10.33 -17.51
N ASP A 109 -13.75 10.63 -17.32
CA ASP A 109 -14.63 10.93 -18.44
C ASP A 109 -14.17 12.21 -19.12
N ASP A 110 -13.62 13.13 -18.32
CA ASP A 110 -13.22 14.45 -18.81
C ASP A 110 -11.82 14.44 -19.38
N GLY A 111 -11.11 13.31 -19.25
CA GLY A 111 -9.76 13.19 -19.77
C GLY A 111 -8.77 12.75 -18.70
N PRO A 112 -7.48 12.98 -18.93
CA PRO A 112 -6.44 12.58 -17.98
C PRO A 112 -6.46 13.45 -16.73
N LYS A 113 -6.35 12.82 -15.57
CA LYS A 113 -6.34 13.55 -14.31
C LYS A 113 -5.22 13.06 -13.41
N THR A 114 -4.88 13.86 -12.40
CA THR A 114 -3.89 13.49 -11.41
C THR A 114 -4.45 13.78 -10.03
N THR A 115 -4.25 12.84 -9.11
CA THR A 115 -4.73 12.98 -7.74
C THR A 115 -3.59 12.66 -6.79
N ARG A 116 -3.58 13.34 -5.65
CA ARG A 116 -2.59 13.11 -4.61
C ARG A 116 -3.27 12.57 -3.36
N TYR A 117 -2.65 11.56 -2.74
CA TYR A 117 -3.12 11.00 -1.48
C TYR A 117 -2.02 11.07 -0.43
N GLU A 118 -2.42 11.35 0.81
CA GLU A 118 -1.54 11.15 1.96
C GLU A 118 -1.65 9.70 2.40
N GLU A 119 -0.51 9.07 2.68
CA GLU A 119 -0.52 7.66 3.10
C GLU A 119 0.31 7.41 4.33
N THR A 120 -0.32 6.80 5.34
CA THR A 120 0.39 6.24 6.48
C THR A 120 0.33 4.71 6.37
N ARG A 121 1.50 4.07 6.47
CA ARG A 121 1.58 2.61 6.44
C ARG A 121 2.33 2.15 7.68
N VAL A 122 1.68 1.31 8.48
CA VAL A 122 2.30 0.79 9.70
C VAL A 122 2.76 -0.64 9.48
N TRP A 123 4.08 -0.84 9.52
CA TRP A 123 4.69 -2.13 9.28
C TRP A 123 5.25 -2.67 10.60
N VAL A 124 5.22 -3.99 10.75
CA VAL A 124 5.73 -4.63 11.96
C VAL A 124 6.70 -5.75 11.57
N LYS A 125 7.79 -5.87 12.31
CA LYS A 125 8.77 -6.92 12.07
C LYS A 125 8.14 -8.29 12.27
N ASP A 126 8.43 -9.19 11.34
CA ASP A 126 8.03 -10.58 11.48
C ASP A 126 8.91 -11.44 10.58
N ALA A 127 9.83 -12.19 11.19
CA ALA A 127 10.77 -13.01 10.46
C ALA A 127 10.05 -14.12 9.67
N ALA A 128 8.80 -14.39 10.03
CA ALA A 128 8.00 -15.38 9.33
C ALA A 128 7.58 -14.91 7.94
N PHE A 129 7.51 -13.59 7.75
CA PHE A 129 7.08 -13.03 6.46
C PHE A 129 8.27 -12.93 5.51
N LYS A 130 7.98 -13.03 4.21
CA LYS A 130 8.99 -13.15 3.17
C LYS A 130 10.09 -12.10 3.27
N PHE A 131 9.71 -10.85 3.53
CA PHE A 131 10.66 -9.75 3.57
C PHE A 131 10.96 -9.28 4.98
N GLY A 132 10.49 -10.04 5.97
CA GLY A 132 10.78 -9.78 7.37
C GLY A 132 9.87 -8.73 7.97
N TRP A 133 8.89 -8.29 7.19
CA TRP A 133 7.97 -7.24 7.60
C TRP A 133 6.55 -7.55 7.14
N LYS A 134 5.56 -7.10 7.91
CA LYS A 134 4.16 -7.25 7.51
C LYS A 134 3.40 -5.95 7.72
N LEU A 135 2.50 -5.64 6.79
CA LEU A 135 1.66 -4.47 6.91
C LEU A 135 0.45 -4.78 7.79
N VAL A 136 0.27 -4.02 8.87
CA VAL A 136 -0.80 -4.31 9.83
C VAL A 136 -1.91 -3.25 9.78
N HIS A 137 -1.58 -2.05 9.32
CA HIS A 137 -2.56 -0.99 9.19
C HIS A 137 -2.11 0.08 8.21
N PHE A 138 -3.04 0.64 7.45
CA PHE A 138 -2.70 1.82 6.67
C PHE A 138 -3.89 2.77 6.55
N HIS A 139 -3.56 4.01 6.24
CA HIS A 139 -4.52 5.10 6.20
C HIS A 139 -4.19 5.91 4.95
N ARG A 140 -5.10 5.90 3.97
CA ARG A 140 -4.92 6.67 2.76
C ARG A 140 -6.06 7.66 2.62
N SER A 141 -5.74 8.92 2.34
CA SER A 141 -6.77 9.93 2.17
C SER A 141 -6.46 10.85 1.01
N GLY A 142 -7.50 11.23 0.28
CA GLY A 142 -7.37 12.03 -0.92
C GLY A 142 -7.32 13.52 -0.64
N ALA A 143 -6.78 14.27 -1.60
CA ALA A 143 -6.63 15.71 -1.46
C ALA A 143 -7.98 16.41 -1.55
#